data_3FQR
#
_entry.id   3FQR
#
_cell.length_a   59.678
_cell.length_b   79.706
_cell.length_c   111.558
_cell.angle_alpha   90.000
_cell.angle_beta   90.000
_cell.angle_gamma   90.000
#
_symmetry.space_group_name_H-M   'P 21 21 21'
#
loop_
_entity.id
_entity.type
_entity.pdbx_description
1 polymer 'HLA class I histocompatibility antigen, A-2 alpha chain'
2 polymer Beta-2-microglobulin
3 polymer 'phospho-peptide 30-39 from beta-Catenin: YLD(Sep)GIHSGA'
4 non-polymer GLYCEROL
5 non-polymer 'MAGNESIUM ION'
6 non-polymer 'CADMIUM ION'
7 water water
#
loop_
_entity_poly.entity_id
_entity_poly.type
_entity_poly.pdbx_seq_one_letter_code
_entity_poly.pdbx_strand_id
1 'polypeptide(L)'
;GSHSMRYFFTSVSRPGRGEPRFIAVGYVDDTQFVRFDSDAASQRMEPRAPWIEQEGPEYWDGETRKVKAHSQTHRVDLGT
LRGYYNQSEAGSHTVQRMYGCDVGSDWRFLRGYHQYAYDGKDYIALKEDLRSWTAADMAAQTTKHKWEAAHVAEQLRAYL
EGTCVEWLRRYLENGKETLQRTDAPKTHMTHHAVSDHEATLRCWALSFYPAEITLTWQRDGEDQTQDTELVETRPAGDGT
FQKWAAVVVPSGQEQRYTCHVQHEGLPKPLTLRWE
;
A
2 'polypeptide(L)'
;QRTPKIQVYSRHPAENGKSNFLNCYVSGFHPSDIEVDLLKNGERIEKVEHSDLSFSKDWSFYLLYYTEFTPTEKDEYACR
VNHVTLSQPKIVKWDRDM
;
B
3 'polypeptide(L)' YLD(SEP)GIHSGA C
#
loop_
_chem_comp.id
_chem_comp.type
_chem_comp.name
_chem_comp.formula
CD non-polymer 'CADMIUM ION' 'Cd 2'
GOL non-polymer GLYCEROL 'C3 H8 O3'
MG non-polymer 'MAGNESIUM ION' 'Mg 2'
#
# COMPACT_ATOMS: atom_id res chain seq x y z
N GLY A 1 -6.41 7.81 18.25
CA GLY A 1 -7.05 6.52 18.43
C GLY A 1 -6.05 5.39 18.55
N SER A 2 -6.36 4.27 17.91
CA SER A 2 -5.47 3.12 17.88
C SER A 2 -4.30 3.35 16.93
N HIS A 3 -3.24 2.57 17.09
CA HIS A 3 -2.06 2.68 16.24
C HIS A 3 -1.46 1.32 15.91
N SER A 4 -0.63 1.30 14.87
CA SER A 4 0.01 0.06 14.46
C SER A 4 1.42 0.30 13.95
N MET A 5 2.29 -0.70 14.08
CA MET A 5 3.55 -0.74 13.36
C MET A 5 3.55 -2.00 12.51
N ARG A 6 3.96 -1.88 11.26
CA ARG A 6 3.94 -3.00 10.33
CA ARG A 6 3.93 -2.98 10.32
C ARG A 6 5.16 -2.99 9.43
N TYR A 7 5.73 -4.16 9.22
CA TYR A 7 6.81 -4.32 8.25
C TYR A 7 6.37 -5.27 7.14
N PHE A 8 6.76 -4.94 5.92
CA PHE A 8 6.43 -5.74 4.73
C PHE A 8 7.71 -6.10 3.99
N PHE A 9 7.87 -7.39 3.66
CA PHE A 9 9.08 -7.86 3.01
C PHE A 9 8.72 -8.64 1.76
N THR A 10 9.43 -8.37 0.67
CA THR A 10 9.24 -9.09 -0.59
C THR A 10 10.58 -9.55 -1.15
N SER A 11 10.69 -10.85 -1.44
CA SER A 11 11.89 -11.40 -2.08
CA SER A 11 11.89 -11.39 -2.07
C SER A 11 11.49 -12.10 -3.37
N VAL A 12 12.17 -11.77 -4.47
CA VAL A 12 11.82 -12.33 -5.77
C VAL A 12 13.05 -12.93 -6.42
N SER A 13 13.00 -14.23 -6.71
CA SER A 13 14.18 -14.91 -7.24
C SER A 13 14.45 -14.51 -8.68
N ARG A 14 15.72 -14.58 -9.07
CA ARG A 14 16.16 -14.14 -10.39
C ARG A 14 16.95 -15.28 -11.02
N PRO A 15 16.23 -16.26 -11.58
CA PRO A 15 16.87 -17.50 -12.07
C PRO A 15 17.99 -17.28 -13.10
N GLY A 16 17.90 -16.22 -13.90
CA GLY A 16 18.86 -15.99 -14.96
C GLY A 16 20.27 -15.67 -14.49
N ARG A 17 20.37 -14.91 -13.41
CA ARG A 17 21.68 -14.49 -12.90
C ARG A 17 21.50 -13.79 -11.57
N GLY A 18 22.31 -14.15 -10.59
CA GLY A 18 22.38 -13.39 -9.37
C GLY A 18 21.40 -13.80 -8.30
N GLU A 19 21.22 -12.92 -7.32
CA GLU A 19 20.41 -13.23 -6.16
CA GLU A 19 20.41 -13.20 -6.14
C GLU A 19 19.04 -12.54 -6.20
N PRO A 20 18.15 -12.92 -5.28
CA PRO A 20 16.80 -12.34 -5.34
C PRO A 20 16.78 -10.84 -5.07
N ARG A 21 15.81 -10.15 -5.67
CA ARG A 21 15.52 -8.77 -5.33
C ARG A 21 14.84 -8.79 -3.98
N PHE A 22 15.29 -7.96 -3.05
CA PHE A 22 14.70 -7.94 -1.71
C PHE A 22 14.30 -6.52 -1.35
N ILE A 23 13.03 -6.32 -1.00
CA ILE A 23 12.54 -4.99 -0.61
C ILE A 23 11.79 -5.06 0.71
N ALA A 24 12.17 -4.21 1.66
CA ALA A 24 11.50 -4.13 2.95
C ALA A 24 11.02 -2.71 3.17
N VAL A 25 9.80 -2.57 3.69
CA VAL A 25 9.29 -1.26 4.08
C VAL A 25 8.66 -1.35 5.46
N GLY A 26 8.81 -0.29 6.24
CA GLY A 26 8.19 -0.24 7.55
C GLY A 26 7.22 0.92 7.62
N TYR A 27 6.10 0.71 8.31
CA TYR A 27 5.06 1.74 8.48
C TYR A 27 4.69 1.92 9.94
N VAL A 28 4.37 3.14 10.33
CA VAL A 28 3.56 3.39 11.52
C VAL A 28 2.23 3.92 11.00
N ASP A 29 1.15 3.25 11.35
CA ASP A 29 -0.15 3.59 10.78
C ASP A 29 -0.01 3.64 9.25
N ASP A 30 -0.46 4.73 8.62
CA ASP A 30 -0.37 4.82 7.16
C ASP A 30 0.84 5.65 6.68
N THR A 31 1.87 5.71 7.51
CA THR A 31 3.06 6.49 7.18
C THR A 31 4.28 5.58 7.04
N GLN A 32 4.86 5.54 5.83
CA GLN A 32 6.09 4.79 5.66
C GLN A 32 7.22 5.51 6.38
N PHE A 33 8.05 4.79 7.13
CA PHE A 33 9.14 5.45 7.82
C PHE A 33 10.55 4.91 7.53
N VAL A 34 10.64 3.69 6.99
CA VAL A 34 11.94 3.15 6.57
C VAL A 34 11.78 2.28 5.32
N ARG A 35 12.90 2.07 4.63
CA ARG A 35 12.92 1.17 3.48
C ARG A 35 14.31 0.55 3.33
N PHE A 36 14.34 -0.64 2.73
CA PHE A 36 15.57 -1.24 2.26
C PHE A 36 15.29 -1.79 0.87
N ASP A 37 16.21 -1.54 -0.06
CA ASP A 37 16.07 -2.11 -1.39
C ASP A 37 17.43 -2.69 -1.79
N SER A 38 17.46 -3.99 -2.06
CA SER A 38 18.72 -4.65 -2.42
C SER A 38 19.34 -4.05 -3.66
N ASP A 39 18.51 -3.45 -4.52
CA ASP A 39 18.98 -2.81 -5.76
C ASP A 39 19.58 -1.42 -5.55
N ALA A 40 19.34 -0.82 -4.38
CA ALA A 40 19.81 0.53 -4.09
C ALA A 40 21.29 0.54 -3.70
N ALA A 41 21.91 1.71 -3.72
CA ALA A 41 23.35 1.80 -3.54
C ALA A 41 23.84 1.68 -2.08
N SER A 42 23.04 2.18 -1.15
CA SER A 42 23.48 2.30 0.24
C SER A 42 23.69 0.94 0.91
N GLN A 43 22.84 -0.02 0.54
CA GLN A 43 22.80 -1.31 1.23
C GLN A 43 22.59 -1.12 2.72
N ARG A 44 21.81 -0.11 3.07
CA ARG A 44 21.45 0.13 4.46
C ARG A 44 19.96 0.36 4.57
N MET A 45 19.42 0.18 5.77
CA MET A 45 18.09 0.68 6.04
C MET A 45 18.14 2.20 5.92
N GLU A 46 17.14 2.77 5.26
CA GLU A 46 17.11 4.21 5.00
C GLU A 46 15.86 4.84 5.59
N PRO A 47 15.98 6.09 6.06
CA PRO A 47 14.82 6.82 6.61
C PRO A 47 13.88 7.31 5.51
N ARG A 48 12.58 7.33 5.79
CA ARG A 48 11.59 7.87 4.85
C ARG A 48 10.60 8.81 5.54
N ALA A 49 10.84 9.12 6.81
CA ALA A 49 10.07 10.12 7.53
C ALA A 49 11.00 10.95 8.40
N PRO A 50 10.72 12.25 8.57
CA PRO A 50 11.65 13.11 9.31
C PRO A 50 11.87 12.66 10.74
N TRP A 51 10.84 12.12 11.39
CA TRP A 51 10.94 11.80 12.80
C TRP A 51 11.79 10.56 13.11
N ILE A 52 12.14 9.77 12.09
CA ILE A 52 13.05 8.65 12.31
C ILE A 52 14.51 9.07 12.10
N GLU A 53 14.73 10.19 11.43
CA GLU A 53 16.09 10.63 11.13
C GLU A 53 16.88 10.95 12.40
N GLN A 54 16.18 11.31 13.46
CA GLN A 54 16.84 11.62 14.73
C GLN A 54 17.49 10.40 15.38
N GLU A 55 17.12 9.19 14.94
CA GLU A 55 17.76 8.00 15.49
C GLU A 55 19.23 8.01 15.12
N GLY A 56 20.07 7.59 16.05
CA GLY A 56 21.51 7.64 15.88
C GLY A 56 22.09 6.44 15.18
N PRO A 57 23.43 6.41 15.03
CA PRO A 57 24.16 5.38 14.28
C PRO A 57 23.88 3.97 14.74
N GLU A 58 23.81 3.74 16.05
CA GLU A 58 23.55 2.41 16.58
CA GLU A 58 23.57 2.40 16.56
C GLU A 58 22.22 1.88 16.05
N TYR A 59 21.23 2.77 15.96
CA TYR A 59 19.93 2.37 15.42
C TYR A 59 20.07 1.93 13.97
N TRP A 60 20.69 2.76 13.15
CA TRP A 60 20.77 2.47 11.72
C TRP A 60 21.65 1.26 11.41
N ASP A 61 22.73 1.10 12.16
CA ASP A 61 23.56 -0.09 12.02
C ASP A 61 22.76 -1.35 12.37
N GLY A 62 21.98 -1.28 13.44
CA GLY A 62 21.20 -2.43 13.88
C GLY A 62 20.08 -2.79 12.92
N GLU A 63 19.37 -1.78 12.41
CA GLU A 63 18.28 -2.06 11.48
C GLU A 63 18.83 -2.62 10.17
N THR A 64 20.00 -2.15 9.79
CA THR A 64 20.65 -2.64 8.58
C THR A 64 21.04 -4.11 8.76
N ARG A 65 21.66 -4.43 9.89
CA ARG A 65 22.06 -5.81 10.18
C ARG A 65 20.84 -6.73 10.17
N LYS A 66 19.77 -6.32 10.84
CA LYS A 66 18.57 -7.15 10.92
C LYS A 66 17.91 -7.32 9.55
N VAL A 67 17.81 -6.24 8.77
CA VAL A 67 17.10 -6.36 7.50
C VAL A 67 17.89 -7.25 6.54
N LYS A 68 19.22 -7.20 6.61
CA LYS A 68 20.03 -8.11 5.80
C LYS A 68 19.84 -9.58 6.23
N ALA A 69 19.69 -9.79 7.53
CA ALA A 69 19.39 -11.12 8.06
C ALA A 69 18.06 -11.63 7.54
N HIS A 70 17.04 -10.76 7.54
CA HIS A 70 15.73 -11.10 6.97
C HIS A 70 15.93 -11.52 5.51
N SER A 71 16.70 -10.74 4.76
CA SER A 71 16.91 -11.05 3.35
CA SER A 71 16.95 -11.04 3.35
C SER A 71 17.56 -12.42 3.15
N GLN A 72 18.58 -12.75 3.95
CA GLN A 72 19.21 -14.06 3.81
C GLN A 72 18.25 -15.19 4.14
N THR A 73 17.43 -15.00 5.18
CA THR A 73 16.43 -16.02 5.53
C THR A 73 15.47 -16.28 4.36
N HIS A 74 14.99 -15.20 3.74
CA HIS A 74 14.13 -15.32 2.57
C HIS A 74 14.83 -15.96 1.39
N ARG A 75 16.11 -15.63 1.18
CA ARG A 75 16.86 -16.21 0.07
C ARG A 75 16.94 -17.74 0.21
N VAL A 76 17.30 -18.19 1.40
CA VAL A 76 17.34 -19.62 1.68
C VAL A 76 15.95 -20.25 1.50
N ASP A 77 14.93 -19.57 2.00
CA ASP A 77 13.55 -20.08 1.90
C ASP A 77 13.11 -20.27 0.46
N LEU A 78 13.50 -19.37 -0.44
CA LEU A 78 13.16 -19.55 -1.85
C LEU A 78 13.65 -20.93 -2.36
N GLY A 79 14.85 -21.32 -1.97
CA GLY A 79 15.39 -22.61 -2.37
C GLY A 79 14.64 -23.76 -1.73
N THR A 80 14.36 -23.62 -0.43
CA THR A 80 13.65 -24.65 0.31
C THR A 80 12.25 -24.89 -0.27
N LEU A 81 11.53 -23.80 -0.51
CA LEU A 81 10.18 -23.88 -1.08
C LEU A 81 10.16 -24.46 -2.48
N ARG A 82 11.12 -24.07 -3.30
CA ARG A 82 11.26 -24.68 -4.62
C ARG A 82 11.32 -26.19 -4.48
N GLY A 83 12.06 -26.66 -3.49
CA GLY A 83 12.19 -28.08 -3.25
C GLY A 83 10.88 -28.71 -2.79
N TYR A 84 10.25 -28.09 -1.79
CA TYR A 84 8.98 -28.58 -1.26
C TYR A 84 7.97 -28.78 -2.38
N TYR A 85 7.96 -27.85 -3.34
CA TYR A 85 6.96 -27.87 -4.41
C TYR A 85 7.47 -28.54 -5.70
N ASN A 86 8.65 -29.14 -5.62
CA ASN A 86 9.22 -29.85 -6.76
CA ASN A 86 9.21 -29.85 -6.76
C ASN A 86 9.28 -28.99 -8.02
N GLN A 87 9.63 -27.72 -7.85
CA GLN A 87 9.65 -26.77 -8.95
C GLN A 87 11.04 -26.68 -9.57
N SER A 88 11.09 -26.23 -10.83
CA SER A 88 12.35 -26.11 -11.56
CA SER A 88 12.35 -26.12 -11.55
C SER A 88 13.14 -24.88 -11.12
N GLU A 89 14.44 -24.91 -11.36
CA GLU A 89 15.29 -23.77 -11.04
C GLU A 89 15.09 -22.65 -12.06
N ALA A 90 14.26 -22.91 -13.07
CA ALA A 90 14.10 -22.00 -14.20
C ALA A 90 13.20 -20.77 -13.95
N GLY A 91 12.18 -20.94 -13.12
CA GLY A 91 11.20 -19.88 -12.94
C GLY A 91 11.47 -18.97 -11.75
N SER A 92 10.95 -17.75 -11.82
CA SER A 92 11.03 -16.78 -10.72
C SER A 92 9.89 -17.02 -9.73
N HIS A 93 10.21 -16.97 -8.43
CA HIS A 93 9.20 -17.16 -7.40
C HIS A 93 9.32 -16.06 -6.34
N THR A 94 8.28 -15.90 -5.53
CA THR A 94 8.22 -14.81 -4.57
C THR A 94 7.91 -15.28 -3.15
N VAL A 95 8.66 -14.74 -2.19
CA VAL A 95 8.30 -14.92 -0.79
C VAL A 95 7.90 -13.55 -0.24
N GLN A 96 6.77 -13.50 0.46
CA GLN A 96 6.35 -12.27 1.14
C GLN A 96 6.12 -12.53 2.62
N ARG A 97 6.45 -11.54 3.45
CA ARG A 97 6.24 -11.67 4.88
C ARG A 97 5.74 -10.35 5.39
N MET A 98 4.81 -10.38 6.34
CA MET A 98 4.37 -9.16 7.00
C MET A 98 4.23 -9.43 8.48
N TYR A 99 4.67 -8.50 9.31
CA TYR A 99 4.45 -8.64 10.74
C TYR A 99 4.33 -7.29 11.42
N GLY A 100 3.76 -7.30 12.61
CA GLY A 100 3.64 -6.07 13.37
C GLY A 100 2.64 -6.15 14.51
N CYS A 101 2.39 -5.01 15.14
CA CYS A 101 1.55 -4.97 16.32
C CYS A 101 0.59 -3.80 16.28
N ASP A 102 -0.57 -3.96 16.91
CA ASP A 102 -1.55 -2.90 17.10
C ASP A 102 -1.59 -2.53 18.59
N VAL A 103 -1.80 -1.24 18.87
CA VAL A 103 -2.08 -0.80 20.24
C VAL A 103 -3.36 0.03 20.23
N GLY A 104 -4.02 0.12 21.37
CA GLY A 104 -5.23 0.90 21.49
C GLY A 104 -4.93 2.34 21.84
N SER A 105 -5.97 3.09 22.20
CA SER A 105 -5.84 4.51 22.55
C SER A 105 -4.94 4.73 23.75
N ASP A 106 -4.90 3.74 24.64
CA ASP A 106 -4.03 3.78 25.81
C ASP A 106 -2.62 3.32 25.49
N TRP A 107 -2.36 3.05 24.20
CA TRP A 107 -1.06 2.58 23.72
C TRP A 107 -0.65 1.22 24.28
N ARG A 108 -1.62 0.47 24.81
CA ARG A 108 -1.33 -0.88 25.28
CA ARG A 108 -1.36 -0.89 25.28
C ARG A 108 -1.55 -1.89 24.16
N PHE A 109 -0.80 -2.99 24.22
CA PHE A 109 -0.89 -4.04 23.22
C PHE A 109 -2.31 -4.52 23.00
N LEU A 110 -2.69 -4.61 21.73
CA LEU A 110 -4.03 -5.03 21.34
C LEU A 110 -3.99 -6.34 20.55
N ARG A 111 -3.07 -6.43 19.60
CA ARG A 111 -3.07 -7.52 18.62
CA ARG A 111 -3.06 -7.54 18.64
C ARG A 111 -1.70 -7.63 17.96
N GLY A 112 -1.28 -8.85 17.64
CA GLY A 112 -0.03 -9.05 16.90
C GLY A 112 -0.26 -9.91 15.67
N TYR A 113 0.64 -9.81 14.70
CA TYR A 113 0.52 -10.64 13.51
CA TYR A 113 0.51 -10.51 13.41
C TYR A 113 1.87 -10.95 12.89
N HIS A 114 1.94 -12.09 12.23
CA HIS A 114 3.14 -12.51 11.54
C HIS A 114 2.73 -13.53 10.51
N GLN A 115 2.76 -13.14 9.25
CA GLN A 115 2.29 -14.05 8.21
C GLN A 115 3.18 -14.08 6.99
N TYR A 116 3.09 -15.18 6.26
CA TYR A 116 4.09 -15.52 5.27
C TYR A 116 3.36 -16.12 4.06
N ALA A 117 3.80 -15.74 2.86
CA ALA A 117 3.17 -16.20 1.61
C ALA A 117 4.22 -16.66 0.62
N TYR A 118 3.86 -17.63 -0.21
CA TYR A 118 4.69 -18.07 -1.31
C TYR A 118 3.90 -17.92 -2.60
N ASP A 119 4.51 -17.30 -3.60
CA ASP A 119 3.86 -17.00 -4.88
C ASP A 119 2.45 -16.40 -4.74
N GLY A 120 2.32 -15.51 -3.77
CA GLY A 120 1.12 -14.70 -3.65
C GLY A 120 -0.03 -15.35 -2.94
N LYS A 121 0.21 -16.52 -2.37
CA LYS A 121 -0.83 -17.25 -1.64
C LYS A 121 -0.42 -17.48 -0.20
N ASP A 122 -1.40 -17.49 0.71
CA ASP A 122 -1.14 -17.81 2.10
C ASP A 122 -0.26 -19.06 2.18
N TYR A 123 0.76 -19.01 3.03
CA TYR A 123 1.60 -20.19 3.26
C TYR A 123 1.48 -20.60 4.73
N ILE A 124 2.04 -19.79 5.62
CA ILE A 124 1.88 -20.05 7.05
C ILE A 124 1.67 -18.72 7.78
N ALA A 125 0.84 -18.74 8.83
CA ALA A 125 0.60 -17.51 9.58
C ALA A 125 0.42 -17.82 11.04
N LEU A 126 0.94 -16.94 11.89
CA LEU A 126 0.72 -17.03 13.32
C LEU A 126 -0.74 -16.69 13.62
N LYS A 127 -1.39 -17.49 14.44
CA LYS A 127 -2.78 -17.20 14.81
C LYS A 127 -2.81 -16.05 15.82
N GLU A 128 -4.00 -15.51 16.04
CA GLU A 128 -4.13 -14.36 16.92
C GLU A 128 -3.73 -14.67 18.36
N ASP A 129 -3.75 -15.94 18.74
CA ASP A 129 -3.29 -16.34 20.07
C ASP A 129 -1.78 -16.16 20.26
N LEU A 130 -1.07 -15.93 19.15
CA LEU A 130 0.39 -15.82 19.12
C LEU A 130 1.08 -17.09 19.63
N ARG A 131 0.37 -18.21 19.52
CA ARG A 131 0.87 -19.50 19.97
C ARG A 131 0.79 -20.57 18.89
N SER A 132 -0.23 -20.46 18.05
CA SER A 132 -0.58 -21.49 17.09
C SER A 132 -0.32 -21.05 15.65
N TRP A 133 -0.30 -22.01 14.72
CA TRP A 133 0.03 -21.72 13.32
C TRP A 133 -1.07 -22.19 12.37
N THR A 134 -1.38 -21.36 11.38
CA THR A 134 -2.25 -21.76 10.27
C THR A 134 -1.37 -22.09 9.06
N ALA A 135 -1.36 -23.36 8.68
CA ALA A 135 -0.60 -23.83 7.51
C ALA A 135 -1.57 -24.14 6.38
N ALA A 136 -1.37 -23.52 5.21
CA ALA A 136 -2.37 -23.59 4.14
C ALA A 136 -2.37 -24.91 3.37
N ASP A 137 -1.21 -25.53 3.28
CA ASP A 137 -1.05 -26.78 2.52
C ASP A 137 0.00 -27.67 3.19
N MET A 138 0.33 -28.78 2.55
CA MET A 138 1.20 -29.76 3.18
C MET A 138 2.66 -29.32 3.27
N ALA A 139 3.10 -28.47 2.33
CA ALA A 139 4.44 -27.90 2.45
C ALA A 139 4.48 -27.01 3.69
N ALA A 140 3.50 -26.12 3.81
CA ALA A 140 3.40 -25.26 4.99
C ALA A 140 3.29 -26.09 6.28
N GLN A 141 2.64 -27.26 6.20
CA GLN A 141 2.55 -28.13 7.37
C GLN A 141 3.93 -28.63 7.80
N THR A 142 4.79 -28.90 6.83
CA THR A 142 6.19 -29.25 7.11
C THR A 142 6.90 -28.12 7.86
N THR A 143 6.75 -26.91 7.35
CA THR A 143 7.28 -25.72 8.02
C THR A 143 6.70 -25.58 9.43
N LYS A 144 5.39 -25.80 9.57
CA LYS A 144 4.74 -25.66 10.87
C LYS A 144 5.40 -26.57 11.92
N HIS A 145 5.63 -27.84 11.56
CA HIS A 145 6.27 -28.78 12.48
C HIS A 145 7.68 -28.31 12.86
N LYS A 146 8.41 -27.80 11.87
CA LYS A 146 9.75 -27.28 12.08
C LYS A 146 9.71 -26.13 13.09
N TRP A 147 8.76 -25.23 12.90
CA TRP A 147 8.64 -24.04 13.74
C TRP A 147 8.13 -24.36 15.13
N GLU A 148 7.28 -25.37 15.26
CA GLU A 148 6.89 -25.84 16.58
C GLU A 148 8.12 -26.32 17.36
N ALA A 149 8.91 -27.16 16.72
CA ALA A 149 10.09 -27.73 17.37
C ALA A 149 11.14 -26.68 17.76
N ALA A 150 11.19 -25.57 17.03
CA ALA A 150 12.18 -24.53 17.28
C ALA A 150 11.68 -23.36 18.14
N HIS A 151 10.51 -23.52 18.77
CA HIS A 151 9.97 -22.49 19.66
C HIS A 151 9.75 -21.14 18.96
N VAL A 152 9.46 -21.18 17.67
CA VAL A 152 9.37 -19.93 16.90
C VAL A 152 8.26 -19.00 17.41
N ALA A 153 7.06 -19.54 17.60
CA ALA A 153 5.94 -18.73 18.09
C ALA A 153 6.24 -18.01 19.41
N GLU A 154 6.99 -18.66 20.30
CA GLU A 154 7.33 -18.02 21.57
C GLU A 154 8.15 -16.77 21.36
N GLN A 155 9.14 -16.85 20.47
CA GLN A 155 10.02 -15.71 20.19
C GLN A 155 9.21 -14.63 19.52
N LEU A 156 8.34 -15.02 18.60
CA LEU A 156 7.54 -14.04 17.88
C LEU A 156 6.58 -13.33 18.82
N ARG A 157 5.92 -14.09 19.69
CA ARG A 157 5.02 -13.51 20.66
C ARG A 157 5.74 -12.49 21.54
N ALA A 158 6.96 -12.82 21.98
CA ALA A 158 7.70 -11.92 22.85
C ALA A 158 7.99 -10.59 22.15
N TYR A 159 8.34 -10.66 20.87
CA TYR A 159 8.64 -9.44 20.11
C TYR A 159 7.36 -8.62 19.89
N LEU A 160 6.31 -9.29 19.49
CA LEU A 160 5.07 -8.61 19.13
C LEU A 160 4.41 -7.90 20.31
N GLU A 161 4.45 -8.53 21.48
CA GLU A 161 3.83 -7.97 22.69
C GLU A 161 4.73 -7.01 23.45
N GLY A 162 6.03 -7.09 23.22
CA GLY A 162 6.98 -6.29 23.96
C GLY A 162 7.69 -5.29 23.10
N THR A 163 8.81 -5.72 22.50
CA THR A 163 9.65 -4.86 21.68
C THR A 163 8.86 -4.04 20.66
N CYS A 164 7.99 -4.71 19.94
CA CYS A 164 7.21 -4.05 18.88
C CYS A 164 6.41 -2.88 19.44
N VAL A 165 5.71 -3.13 20.54
CA VAL A 165 4.88 -2.09 21.13
CA VAL A 165 4.88 -2.12 21.19
C VAL A 165 5.72 -0.97 21.76
N GLU A 166 6.86 -1.33 22.35
CA GLU A 166 7.73 -0.34 22.99
C GLU A 166 8.27 0.65 21.97
N TRP A 167 8.72 0.14 20.83
CA TRP A 167 9.24 0.99 19.79
C TRP A 167 8.13 1.77 19.06
N LEU A 168 6.97 1.14 18.88
CA LEU A 168 5.83 1.87 18.33
C LEU A 168 5.52 3.10 19.19
N ARG A 169 5.52 2.92 20.51
CA ARG A 169 5.27 4.03 21.41
C ARG A 169 6.32 5.13 21.28
N ARG A 170 7.57 4.72 21.15
CA ARG A 170 8.67 5.67 20.92
C ARG A 170 8.48 6.49 19.65
N TYR A 171 8.12 5.81 18.56
CA TYR A 171 7.88 6.49 17.28
C TYR A 171 6.69 7.44 17.38
N LEU A 172 5.62 7.00 18.03
CA LEU A 172 4.43 7.83 18.17
C LEU A 172 4.73 9.14 18.88
N GLU A 173 5.61 9.06 19.89
CA GLU A 173 6.04 10.25 20.60
C GLU A 173 6.94 11.14 19.75
N ASN A 174 7.97 10.56 19.16
CA ASN A 174 8.93 11.34 18.38
C ASN A 174 8.30 11.99 17.15
N GLY A 175 7.34 11.31 16.54
CA GLY A 175 6.65 11.85 15.38
C GLY A 175 5.27 12.39 15.68
N LYS A 176 5.02 12.77 16.92
CA LYS A 176 3.67 13.16 17.35
C LYS A 176 3.03 14.23 16.47
N GLU A 177 3.82 15.20 16.00
CA GLU A 177 3.27 16.33 15.25
C GLU A 177 2.50 15.87 14.01
N THR A 178 2.88 14.73 13.45
CA THR A 178 2.17 14.20 12.29
C THR A 178 1.44 12.89 12.61
N LEU A 179 2.10 11.99 13.32
CA LEU A 179 1.52 10.67 13.57
C LEU A 179 0.27 10.73 14.43
N GLN A 180 0.20 11.71 15.34
CA GLN A 180 -0.98 11.85 16.20
C GLN A 180 -1.90 12.96 15.73
N ARG A 181 -1.75 13.37 14.48
CA ARG A 181 -2.61 14.38 13.88
C ARG A 181 -3.50 13.71 12.85
N THR A 182 -4.79 14.02 12.87
CA THR A 182 -5.67 13.57 11.79
C THR A 182 -5.89 14.73 10.84
N ASP A 183 -5.91 14.43 9.54
CA ASP A 183 -6.20 15.45 8.53
C ASP A 183 -7.56 15.13 7.93
N ALA A 184 -8.56 15.93 8.27
CA ALA A 184 -9.91 15.71 7.76
C ALA A 184 -9.93 15.88 6.24
N PRO A 185 -10.79 15.12 5.57
CA PRO A 185 -10.91 15.23 4.11
C PRO A 185 -11.42 16.61 3.72
N LYS A 186 -10.78 17.21 2.72
CA LYS A 186 -11.33 18.41 2.12
C LYS A 186 -12.30 17.93 1.03
N THR A 187 -13.55 18.32 1.15
CA THR A 187 -14.60 17.75 0.30
C THR A 187 -15.23 18.78 -0.63
N HIS A 188 -15.57 18.34 -1.84
CA HIS A 188 -16.35 19.16 -2.75
C HIS A 188 -17.06 18.28 -3.77
N MET A 189 -18.01 18.88 -4.48
CA MET A 189 -18.76 18.12 -5.48
CA MET A 189 -18.80 18.16 -5.48
C MET A 189 -18.58 18.75 -6.85
N THR A 190 -18.41 17.90 -7.86
CA THR A 190 -18.37 18.35 -9.25
C THR A 190 -19.53 17.75 -10.01
N HIS A 191 -19.83 18.33 -11.18
CA HIS A 191 -21.01 17.98 -11.94
C HIS A 191 -20.59 17.86 -13.40
N HIS A 192 -20.93 16.73 -14.04
CA HIS A 192 -20.49 16.48 -15.40
C HIS A 192 -21.64 15.95 -16.22
N ALA A 193 -22.16 16.76 -17.11
CA ALA A 193 -23.28 16.32 -17.95
C ALA A 193 -22.89 15.10 -18.79
N VAL A 194 -23.81 14.12 -18.89
CA VAL A 194 -23.52 12.95 -19.72
C VAL A 194 -24.50 12.89 -20.89
N SER A 195 -25.44 13.83 -20.88
CA SER A 195 -26.41 14.05 -21.95
C SER A 195 -27.08 15.36 -21.60
N ASP A 196 -28.10 15.77 -22.35
CA ASP A 196 -28.78 17.02 -22.02
C ASP A 196 -29.90 16.85 -20.98
N HIS A 197 -29.99 15.66 -20.39
CA HIS A 197 -30.98 15.44 -19.33
C HIS A 197 -30.49 14.52 -18.22
N GLU A 198 -29.21 14.14 -18.25
CA GLU A 198 -28.60 13.38 -17.15
C GLU A 198 -27.21 13.90 -16.87
N ALA A 199 -26.74 13.73 -15.64
CA ALA A 199 -25.43 14.22 -15.26
C ALA A 199 -24.81 13.35 -14.18
N THR A 200 -23.49 13.31 -14.16
CA THR A 200 -22.77 12.66 -13.07
C THR A 200 -22.47 13.69 -11.98
N LEU A 201 -22.81 13.35 -10.73
CA LEU A 201 -22.30 14.12 -9.59
C LEU A 201 -21.14 13.35 -9.00
N ARG A 202 -20.00 14.01 -8.79
CA ARG A 202 -18.84 13.35 -8.22
C ARG A 202 -18.48 14.01 -6.90
N CYS A 203 -18.48 13.21 -5.84
CA CYS A 203 -18.19 13.68 -4.48
C CYS A 203 -16.73 13.35 -4.15
N TRP A 204 -15.94 14.39 -3.89
CA TRP A 204 -14.50 14.25 -3.70
C TRP A 204 -14.11 14.37 -2.24
N ALA A 205 -13.20 13.51 -1.82
CA ALA A 205 -12.55 13.64 -0.51
C ALA A 205 -11.04 13.69 -0.77
N LEU A 206 -10.41 14.79 -0.39
CA LEU A 206 -9.00 14.98 -0.71
C LEU A 206 -8.12 15.30 0.49
N SER A 207 -6.85 14.95 0.36
CA SER A 207 -5.81 15.35 1.30
C SER A 207 -6.08 14.87 2.73
N PHE A 208 -6.64 13.66 2.87
CA PHE A 208 -6.96 13.17 4.22
C PHE A 208 -5.96 12.13 4.76
N TYR A 209 -5.96 11.98 6.08
CA TYR A 209 -5.09 11.03 6.77
C TYR A 209 -5.71 10.76 8.14
N PRO A 210 -5.84 9.48 8.53
CA PRO A 210 -5.39 8.25 7.85
C PRO A 210 -6.20 7.92 6.62
N ALA A 211 -5.88 6.79 5.97
CA ALA A 211 -6.51 6.45 4.70
C ALA A 211 -7.97 5.98 4.84
N GLU A 212 -8.30 5.41 5.99
CA GLU A 212 -9.64 4.93 6.28
CA GLU A 212 -9.65 4.93 6.25
C GLU A 212 -10.69 6.02 6.09
N ILE A 213 -11.71 5.75 5.27
CA ILE A 213 -12.77 6.71 5.00
C ILE A 213 -13.99 6.00 4.46
N THR A 214 -15.17 6.59 4.64
CA THR A 214 -16.36 6.06 4.01
C THR A 214 -17.11 7.16 3.26
N LEU A 215 -17.39 6.91 1.97
CA LEU A 215 -18.18 7.82 1.15
C LEU A 215 -19.44 7.09 0.71
N THR A 216 -20.60 7.68 0.97
CA THR A 216 -21.87 7.07 0.61
CA THR A 216 -21.86 7.07 0.56
C THR A 216 -22.80 8.09 -0.05
N TRP A 217 -23.64 7.62 -0.97
CA TRP A 217 -24.68 8.47 -1.56
C TRP A 217 -26.04 8.10 -1.00
N GLN A 218 -26.88 9.12 -0.82
CA GLN A 218 -28.27 8.90 -0.49
C GLN A 218 -29.14 9.66 -1.49
N ARG A 219 -30.34 9.13 -1.75
CA ARG A 219 -31.36 9.86 -2.48
CA ARG A 219 -31.33 9.85 -2.49
C ARG A 219 -32.57 9.98 -1.61
N ASP A 220 -33.02 11.21 -1.40
CA ASP A 220 -34.16 11.48 -0.53
C ASP A 220 -33.98 10.79 0.82
N GLY A 221 -32.76 10.84 1.35
CA GLY A 221 -32.48 10.38 2.70
C GLY A 221 -32.31 8.88 2.86
N GLU A 222 -32.26 8.15 1.76
CA GLU A 222 -32.05 6.70 1.82
C GLU A 222 -30.89 6.27 0.93
N ASP A 223 -30.18 5.23 1.36
CA ASP A 223 -28.98 4.80 0.66
C ASP A 223 -29.25 4.55 -0.83
N GLN A 224 -28.30 4.99 -1.64
CA GLN A 224 -28.38 4.83 -3.09
C GLN A 224 -27.13 4.10 -3.56
N THR A 225 -27.31 2.95 -4.19
CA THR A 225 -26.19 2.16 -4.70
C THR A 225 -26.26 2.01 -6.23
N GLN A 226 -27.48 1.98 -6.78
CA GLN A 226 -27.65 1.93 -8.22
C GLN A 226 -27.01 3.14 -8.91
N ASP A 227 -26.36 2.90 -10.04
CA ASP A 227 -25.77 3.98 -10.85
C ASP A 227 -24.70 4.79 -10.10
N THR A 228 -24.01 4.12 -9.16
CA THR A 228 -22.90 4.74 -8.46
C THR A 228 -21.57 4.09 -8.83
N GLU A 229 -20.49 4.84 -8.63
CA GLU A 229 -19.14 4.32 -8.78
C GLU A 229 -18.28 4.83 -7.62
N LEU A 230 -17.53 3.94 -7.00
CA LEU A 230 -16.66 4.29 -5.88
C LEU A 230 -15.25 3.82 -6.20
N VAL A 231 -14.29 4.75 -6.31
CA VAL A 231 -12.93 4.35 -6.64
C VAL A 231 -12.17 3.96 -5.38
N GLU A 232 -11.18 3.10 -5.54
CA GLU A 232 -10.39 2.67 -4.41
CA GLU A 232 -10.36 2.66 -4.42
C GLU A 232 -9.55 3.85 -3.90
N THR A 233 -9.39 3.90 -2.58
CA THR A 233 -8.62 4.96 -1.95
C THR A 233 -7.19 4.96 -2.48
N ARG A 234 -6.68 6.14 -2.83
CA ARG A 234 -5.41 6.25 -3.55
C ARG A 234 -4.50 7.30 -2.90
N PRO A 235 -3.17 7.08 -2.96
CA PRO A 235 -2.25 8.06 -2.37
C PRO A 235 -2.12 9.33 -3.19
N ALA A 236 -2.10 10.48 -2.52
CA ALA A 236 -1.89 11.75 -3.22
C ALA A 236 -0.43 11.93 -3.61
N GLY A 237 0.46 11.29 -2.85
CA GLY A 237 1.89 11.40 -3.08
C GLY A 237 2.61 12.29 -2.09
N ASP A 238 1.84 12.96 -1.23
CA ASP A 238 2.41 13.83 -0.21
C ASP A 238 2.10 13.32 1.21
N GLY A 239 1.75 12.03 1.30
CA GLY A 239 1.43 11.42 2.58
C GLY A 239 -0.05 11.35 2.89
N THR A 240 -0.86 12.07 2.12
CA THR A 240 -2.32 12.01 2.31
C THR A 240 -2.97 11.14 1.25
N PHE A 241 -4.28 10.97 1.38
CA PHE A 241 -5.03 10.07 0.50
C PHE A 241 -6.22 10.77 -0.17
N GLN A 242 -6.76 10.13 -1.20
CA GLN A 242 -7.87 10.68 -1.97
C GLN A 242 -8.90 9.59 -2.23
N LYS A 243 -10.16 9.99 -2.40
CA LYS A 243 -11.19 9.07 -2.85
C LYS A 243 -12.32 9.89 -3.46
N TRP A 244 -13.07 9.28 -4.39
CA TRP A 244 -14.32 9.88 -4.83
C TRP A 244 -15.40 8.82 -5.06
N ALA A 245 -16.64 9.29 -4.98
CA ALA A 245 -17.81 8.48 -5.27
C ALA A 245 -18.68 9.28 -6.23
N ALA A 246 -19.29 8.61 -7.19
CA ALA A 246 -20.11 9.33 -8.17
C ALA A 246 -21.44 8.62 -8.37
N VAL A 247 -22.42 9.40 -8.80
CA VAL A 247 -23.76 8.88 -9.09
C VAL A 247 -24.30 9.59 -10.32
N VAL A 248 -25.00 8.87 -11.18
CA VAL A 248 -25.65 9.47 -12.35
C VAL A 248 -27.09 9.80 -11.99
N VAL A 249 -27.50 11.03 -12.28
CA VAL A 249 -28.83 11.49 -11.87
C VAL A 249 -29.57 12.18 -13.02
N PRO A 250 -30.91 12.19 -12.97
CA PRO A 250 -31.65 13.00 -13.95
C PRO A 250 -31.40 14.47 -13.70
N SER A 251 -31.01 15.21 -14.75
CA SER A 251 -30.75 16.62 -14.62
C SER A 251 -31.97 17.37 -14.09
N GLY A 252 -31.74 18.26 -13.13
CA GLY A 252 -32.81 18.96 -12.47
C GLY A 252 -33.20 18.33 -11.15
N GLN A 253 -32.74 17.10 -10.92
CA GLN A 253 -33.08 16.37 -9.70
C GLN A 253 -31.91 16.26 -8.74
N GLU A 254 -30.88 17.08 -8.94
CA GLU A 254 -29.66 16.98 -8.16
C GLU A 254 -29.85 17.16 -6.66
N GLN A 255 -30.83 17.95 -6.26
CA GLN A 255 -30.98 18.28 -4.84
C GLN A 255 -31.45 17.08 -4.01
N ARG A 256 -31.98 16.05 -4.67
CA ARG A 256 -32.38 14.82 -3.99
C ARG A 256 -31.19 14.08 -3.44
N TYR A 257 -30.01 14.33 -4.00
CA TYR A 257 -28.85 13.50 -3.75
C TYR A 257 -27.88 14.14 -2.78
N THR A 258 -27.46 13.36 -1.79
CA THR A 258 -26.49 13.83 -0.80
C THR A 258 -25.34 12.86 -0.67
N CYS A 259 -24.14 13.42 -0.56
CA CYS A 259 -22.95 12.60 -0.34
C CYS A 259 -22.58 12.70 1.15
N HIS A 260 -22.28 11.56 1.75
CA HIS A 260 -21.97 11.49 3.17
C HIS A 260 -20.56 11.00 3.40
N VAL A 261 -19.81 11.75 4.19
CA VAL A 261 -18.38 11.50 4.38
C VAL A 261 -18.08 11.23 5.84
N GLN A 262 -17.53 10.05 6.11
CA GLN A 262 -17.13 9.66 7.46
C GLN A 262 -15.62 9.48 7.51
N HIS A 263 -14.98 10.09 8.50
CA HIS A 263 -13.53 10.01 8.64
C HIS A 263 -13.19 10.32 10.09
N GLU A 264 -12.12 9.72 10.59
CA GLU A 264 -11.71 9.93 11.98
C GLU A 264 -11.45 11.40 12.30
N GLY A 265 -11.07 12.17 11.29
CA GLY A 265 -10.75 13.58 11.48
C GLY A 265 -11.97 14.49 11.51
N LEU A 266 -13.15 13.91 11.36
CA LEU A 266 -14.42 14.64 11.40
C LEU A 266 -15.21 14.29 12.65
N PRO A 267 -15.44 15.27 13.53
CA PRO A 267 -16.23 15.08 14.75
C PRO A 267 -17.60 14.51 14.44
N LYS A 268 -18.19 14.99 13.35
CA LYS A 268 -19.46 14.48 12.86
C LYS A 268 -19.35 14.32 11.35
N PRO A 269 -20.00 13.29 10.79
CA PRO A 269 -19.94 13.09 9.35
C PRO A 269 -20.38 14.33 8.58
N LEU A 270 -19.81 14.52 7.39
CA LEU A 270 -20.18 15.65 6.55
C LEU A 270 -21.24 15.23 5.54
N THR A 271 -22.11 16.16 5.18
CA THR A 271 -23.10 15.95 4.13
C THR A 271 -22.87 17.00 3.05
N LEU A 272 -22.79 16.57 1.80
CA LEU A 272 -22.64 17.50 0.68
C LEU A 272 -23.78 17.37 -0.30
N ARG A 273 -24.16 18.50 -0.89
CA ARG A 273 -25.20 18.55 -1.90
CA ARG A 273 -25.21 18.55 -1.90
C ARG A 273 -24.68 19.39 -3.05
N TRP A 274 -25.21 19.17 -4.26
CA TRP A 274 -24.73 19.93 -5.41
C TRP A 274 -25.07 21.43 -5.34
N GLU A 275 -26.36 21.74 -5.30
CA GLU A 275 -26.81 23.14 -5.28
C GLU A 275 -26.49 23.90 -6.57
N GLN B 1 -0.63 -13.84 -12.09
CA GLN B 1 -1.97 -14.43 -12.18
C GLN B 1 -3.04 -13.37 -11.89
N ARG B 2 -2.61 -12.21 -11.41
CA ARG B 2 -3.54 -11.18 -10.97
C ARG B 2 -3.21 -9.84 -11.64
N THR B 3 -4.17 -9.30 -12.38
CA THR B 3 -3.92 -8.16 -13.24
CA THR B 3 -3.95 -8.15 -13.25
C THR B 3 -3.92 -6.83 -12.49
N PRO B 4 -3.08 -5.89 -12.95
CA PRO B 4 -3.04 -4.59 -12.26
C PRO B 4 -4.30 -3.78 -12.48
N LYS B 5 -4.79 -3.17 -11.40
CA LYS B 5 -5.79 -2.12 -11.49
CA LYS B 5 -5.79 -2.12 -11.49
C LYS B 5 -5.02 -0.82 -11.64
N ILE B 6 -5.59 0.13 -12.38
CA ILE B 6 -4.87 1.38 -12.67
C ILE B 6 -5.74 2.60 -12.40
N GLN B 7 -5.20 3.57 -11.67
CA GLN B 7 -5.81 4.90 -11.61
C GLN B 7 -4.77 5.93 -12.00
N VAL B 8 -5.12 6.81 -12.92
CA VAL B 8 -4.25 7.92 -13.28
CA VAL B 8 -4.26 7.93 -13.31
C VAL B 8 -4.96 9.22 -12.88
N TYR B 9 -4.23 10.07 -12.19
CA TYR B 9 -4.83 11.27 -11.59
C TYR B 9 -3.78 12.27 -11.17
N SER B 10 -4.21 13.49 -10.89
CA SER B 10 -3.30 14.52 -10.39
C SER B 10 -3.36 14.61 -8.89
N ARG B 11 -2.25 15.05 -8.28
CA ARG B 11 -2.23 15.21 -6.84
C ARG B 11 -3.19 16.30 -6.38
N HIS B 12 -3.26 17.39 -7.13
CA HIS B 12 -4.15 18.51 -6.82
C HIS B 12 -5.18 18.72 -7.92
N PRO B 13 -6.34 19.28 -7.59
CA PRO B 13 -7.31 19.60 -8.65
C PRO B 13 -6.63 20.44 -9.73
N ALA B 14 -6.79 20.04 -10.97
CA ALA B 14 -6.02 20.64 -12.05
C ALA B 14 -6.51 22.03 -12.46
N GLU B 15 -5.57 22.91 -12.73
CA GLU B 15 -5.81 24.17 -13.41
C GLU B 15 -4.79 24.26 -14.51
N ASN B 16 -5.23 24.55 -15.72
CA ASN B 16 -4.28 24.65 -16.82
C ASN B 16 -3.27 25.73 -16.50
N GLY B 17 -1.99 25.43 -16.75
CA GLY B 17 -0.94 26.39 -16.53
C GLY B 17 -0.36 26.38 -15.12
N LYS B 18 -0.89 25.52 -14.25
CA LYS B 18 -0.36 25.44 -12.89
C LYS B 18 0.30 24.10 -12.63
N SER B 19 1.59 24.15 -12.30
CA SER B 19 2.36 22.93 -12.06
CA SER B 19 2.37 22.95 -12.03
C SER B 19 1.67 22.05 -11.02
N ASN B 20 1.85 20.74 -11.19
CA ASN B 20 1.11 19.76 -10.42
C ASN B 20 1.93 18.47 -10.42
N PHE B 21 1.32 17.37 -9.98
CA PHE B 21 1.99 16.07 -9.99
CA PHE B 21 1.99 16.07 -10.01
C PHE B 21 1.07 15.05 -10.66
N LEU B 22 1.62 14.30 -11.61
CA LEU B 22 0.87 13.28 -12.32
C LEU B 22 1.15 11.92 -11.69
N ASN B 23 0.10 11.25 -11.24
CA ASN B 23 0.19 9.97 -10.53
C ASN B 23 -0.38 8.84 -11.35
N CYS B 24 0.31 7.70 -11.35
CA CYS B 24 -0.30 6.45 -11.82
C CYS B 24 -0.17 5.44 -10.68
N TYR B 25 -1.31 5.05 -10.13
CA TYR B 25 -1.35 4.11 -9.02
C TYR B 25 -1.77 2.74 -9.55
N VAL B 26 -0.87 1.77 -9.44
CA VAL B 26 -1.14 0.41 -9.89
C VAL B 26 -1.24 -0.49 -8.67
N SER B 27 -2.27 -1.34 -8.63
CA SER B 27 -2.53 -2.14 -7.44
C SER B 27 -3.20 -3.45 -7.80
N GLY B 28 -3.25 -4.35 -6.81
CA GLY B 28 -3.92 -5.63 -6.97
C GLY B 28 -3.24 -6.60 -7.93
N PHE B 29 -1.95 -6.41 -8.20
CA PHE B 29 -1.25 -7.29 -9.14
C PHE B 29 -0.30 -8.30 -8.49
N HIS B 30 -0.04 -9.39 -9.20
CA HIS B 30 0.97 -10.37 -8.80
C HIS B 30 1.37 -11.13 -10.05
N PRO B 31 2.68 -11.36 -10.26
CA PRO B 31 3.84 -11.02 -9.43
C PRO B 31 4.20 -9.52 -9.47
N SER B 32 5.29 -9.17 -8.80
CA SER B 32 5.61 -7.76 -8.56
C SER B 32 6.28 -7.06 -9.75
N ASP B 33 6.91 -7.83 -10.64
CA ASP B 33 7.55 -7.21 -11.79
C ASP B 33 6.50 -6.56 -12.69
N ILE B 34 6.72 -5.30 -13.04
CA ILE B 34 5.73 -4.54 -13.79
C ILE B 34 6.39 -3.39 -14.53
N GLU B 35 5.84 -3.01 -15.67
CA GLU B 35 6.36 -1.88 -16.42
C GLU B 35 5.34 -0.76 -16.41
N VAL B 36 5.70 0.39 -15.86
CA VAL B 36 4.81 1.53 -15.83
C VAL B 36 5.51 2.77 -16.36
N ASP B 37 4.93 3.37 -17.40
CA ASP B 37 5.44 4.61 -17.95
C ASP B 37 4.36 5.68 -17.89
N LEU B 38 4.77 6.92 -17.67
CA LEU B 38 3.85 8.05 -17.82
C LEU B 38 4.13 8.67 -19.18
N LEU B 39 3.07 9.06 -19.88
CA LEU B 39 3.20 9.53 -21.24
C LEU B 39 2.69 10.95 -21.37
N LYS B 40 3.39 11.74 -22.19
CA LYS B 40 2.93 13.05 -22.58
C LYS B 40 2.83 13.04 -24.10
N ASN B 41 1.61 13.21 -24.61
CA ASN B 41 1.37 13.15 -26.04
C ASN B 41 1.96 11.89 -26.66
N GLY B 42 1.80 10.77 -25.95
CA GLY B 42 2.21 9.47 -26.46
C GLY B 42 3.66 9.09 -26.25
N GLU B 43 4.47 10.04 -25.77
CA GLU B 43 5.89 9.77 -25.57
CA GLU B 43 5.90 9.79 -25.56
C GLU B 43 6.22 9.58 -24.08
N ARG B 44 7.16 8.67 -23.80
CA ARG B 44 7.54 8.39 -22.43
C ARG B 44 8.18 9.59 -21.75
N ILE B 45 7.73 9.88 -20.52
CA ILE B 45 8.34 10.92 -19.71
C ILE B 45 9.57 10.32 -18.99
N GLU B 46 10.68 11.03 -19.05
N GLU B 46 10.69 11.02 -19.07
CA GLU B 46 11.96 10.51 -18.58
CA GLU B 46 11.96 10.49 -18.56
C GLU B 46 12.08 10.34 -17.06
C GLU B 46 12.02 10.33 -17.05
N LYS B 47 12.03 11.45 -16.33
CA LYS B 47 12.24 11.43 -14.88
CA LYS B 47 12.25 11.39 -14.88
C LYS B 47 10.98 11.06 -14.10
N VAL B 48 10.63 9.79 -14.11
CA VAL B 48 9.49 9.29 -13.33
C VAL B 48 10.01 8.46 -12.17
N GLU B 49 9.46 8.72 -10.98
CA GLU B 49 9.85 8.01 -9.78
C GLU B 49 8.74 7.09 -9.33
N HIS B 50 9.04 6.17 -8.42
CA HIS B 50 7.99 5.35 -7.86
C HIS B 50 8.23 5.04 -6.38
N SER B 51 7.14 4.70 -5.71
CA SER B 51 7.18 4.33 -4.30
C SER B 51 7.88 3.00 -4.10
N ASP B 52 8.20 2.70 -2.84
CA ASP B 52 8.79 1.41 -2.50
C ASP B 52 7.71 0.34 -2.48
N LEU B 53 8.01 -0.79 -3.12
CA LEU B 53 7.07 -1.91 -3.24
C LEU B 53 6.46 -2.33 -1.91
N SER B 54 5.14 -2.39 -1.87
CA SER B 54 4.46 -2.91 -0.70
C SER B 54 3.26 -3.72 -1.18
N PHE B 55 2.48 -4.26 -0.24
CA PHE B 55 1.40 -5.14 -0.62
C PHE B 55 0.25 -5.13 0.37
N SER B 56 -0.90 -5.61 -0.08
CA SER B 56 -2.12 -5.63 0.70
C SER B 56 -2.30 -6.95 1.43
N LYS B 57 -3.41 -7.09 2.15
CA LYS B 57 -3.63 -8.29 2.95
CA LYS B 57 -3.67 -8.29 2.95
C LYS B 57 -3.71 -9.55 2.09
N ASP B 58 -4.24 -9.42 0.87
CA ASP B 58 -4.35 -10.55 -0.04
C ASP B 58 -3.04 -10.82 -0.80
N TRP B 59 -1.99 -10.13 -0.38
CA TRP B 59 -0.63 -10.27 -0.92
C TRP B 59 -0.40 -9.59 -2.28
N SER B 60 -1.43 -9.00 -2.85
CA SER B 60 -1.26 -8.32 -4.12
C SER B 60 -0.49 -7.02 -3.90
N PHE B 61 0.31 -6.65 -4.89
CA PHE B 61 1.21 -5.51 -4.79
C PHE B 61 0.59 -4.17 -5.16
N TYR B 62 1.16 -3.09 -4.65
CA TYR B 62 0.83 -1.76 -5.13
C TYR B 62 2.04 -0.84 -5.22
N LEU B 63 2.01 0.05 -6.21
CA LEU B 63 3.06 1.03 -6.46
C LEU B 63 2.44 2.33 -6.94
N LEU B 64 3.04 3.45 -6.52
CA LEU B 64 2.68 4.74 -7.11
C LEU B 64 3.83 5.24 -7.96
N TYR B 65 3.54 5.53 -9.22
CA TYR B 65 4.48 6.20 -10.13
C TYR B 65 4.07 7.66 -10.27
N TYR B 66 5.05 8.56 -10.29
CA TYR B 66 4.71 9.98 -10.30
C TYR B 66 5.79 10.85 -10.89
N THR B 67 5.37 12.01 -11.41
CA THR B 67 6.28 13.00 -11.96
C THR B 67 5.61 14.36 -11.93
N GLU B 68 6.40 15.44 -11.92
CA GLU B 68 5.80 16.76 -12.01
C GLU B 68 5.29 16.97 -13.43
N PHE B 69 4.18 17.69 -13.55
CA PHE B 69 3.62 18.04 -14.87
C PHE B 69 2.79 19.31 -14.80
N THR B 70 2.56 19.93 -15.96
CA THR B 70 1.66 21.07 -16.01
C THR B 70 0.48 20.79 -16.94
N PRO B 71 -0.72 20.65 -16.37
CA PRO B 71 -1.93 20.48 -17.19
C PRO B 71 -2.05 21.63 -18.19
N THR B 72 -2.44 21.32 -19.42
CA THR B 72 -2.73 22.35 -20.41
C THR B 72 -3.93 21.92 -21.24
N GLU B 73 -4.42 22.84 -22.06
CA GLU B 73 -5.55 22.54 -22.94
C GLU B 73 -5.14 21.53 -24.00
N LYS B 74 -3.89 21.59 -24.45
CA LYS B 74 -3.47 20.83 -25.62
C LYS B 74 -2.75 19.51 -25.33
N ASP B 75 -2.11 19.40 -24.18
CA ASP B 75 -1.30 18.20 -23.91
C ASP B 75 -2.14 17.06 -23.37
N GLU B 76 -1.85 15.86 -23.86
CA GLU B 76 -2.53 14.65 -23.40
CA GLU B 76 -2.52 14.65 -23.42
C GLU B 76 -1.59 13.84 -22.53
N TYR B 77 -2.08 13.45 -21.34
CA TYR B 77 -1.26 12.64 -20.45
C TYR B 77 -1.88 11.28 -20.25
N ALA B 78 -1.05 10.28 -19.99
CA ALA B 78 -1.52 8.92 -19.84
C ALA B 78 -0.56 8.06 -19.05
N CYS B 79 -1.04 6.89 -18.63
CA CYS B 79 -0.21 5.89 -17.99
C CYS B 79 -0.25 4.63 -18.85
N ARG B 80 0.91 4.04 -19.09
CA ARG B 80 1.01 2.82 -19.89
C ARG B 80 1.61 1.72 -19.04
N VAL B 81 0.87 0.61 -18.93
CA VAL B 81 1.24 -0.47 -18.03
C VAL B 81 1.36 -1.80 -18.75
N ASN B 82 2.46 -2.50 -18.50
CA ASN B 82 2.58 -3.87 -18.98
C ASN B 82 2.93 -4.79 -17.83
N HIS B 83 2.44 -6.02 -17.92
CA HIS B 83 2.55 -6.97 -16.84
C HIS B 83 2.35 -8.35 -17.46
N VAL B 84 2.88 -9.38 -16.83
CA VAL B 84 2.80 -10.73 -17.40
C VAL B 84 1.36 -11.13 -17.67
N THR B 85 0.44 -10.65 -16.84
CA THR B 85 -0.98 -10.99 -16.96
C THR B 85 -1.68 -10.29 -18.13
N LEU B 86 -0.99 -9.35 -18.76
CA LEU B 86 -1.57 -8.57 -19.85
C LEU B 86 -1.02 -9.00 -21.20
N SER B 87 -1.89 -9.26 -22.17
CA SER B 87 -1.44 -9.70 -23.49
C SER B 87 -0.77 -8.54 -24.24
N GLN B 88 -1.14 -7.31 -23.88
CA GLN B 88 -0.56 -6.12 -24.49
C GLN B 88 -0.63 -4.97 -23.49
N PRO B 89 0.21 -3.94 -23.67
CA PRO B 89 0.22 -2.81 -22.74
C PRO B 89 -1.14 -2.14 -22.65
N LYS B 90 -1.54 -1.78 -21.44
CA LYS B 90 -2.81 -1.10 -21.22
C LYS B 90 -2.53 0.38 -21.03
N ILE B 91 -3.25 1.22 -21.76
CA ILE B 91 -3.07 2.66 -21.66
C ILE B 91 -4.31 3.32 -21.09
N VAL B 92 -4.13 4.06 -19.99
CA VAL B 92 -5.23 4.79 -19.39
C VAL B 92 -4.93 6.28 -19.47
N LYS B 93 -5.83 7.03 -20.11
CA LYS B 93 -5.64 8.47 -20.27
C LYS B 93 -5.97 9.20 -18.97
N TRP B 94 -5.21 10.24 -18.68
CA TRP B 94 -5.55 11.13 -17.59
C TRP B 94 -6.77 11.97 -17.96
N ASP B 95 -7.73 12.02 -17.05
CA ASP B 95 -8.90 12.89 -17.19
C ASP B 95 -8.98 13.69 -15.89
N ARG B 96 -8.86 15.01 -16.00
CA ARG B 96 -8.82 15.88 -14.82
C ARG B 96 -10.06 15.78 -13.92
N ASP B 97 -11.13 15.19 -14.45
CA ASP B 97 -12.37 15.05 -13.70
C ASP B 97 -12.43 13.77 -12.86
N MET B 98 -11.36 12.96 -12.92
CA MET B 98 -11.36 11.67 -12.23
C MET B 98 -10.04 11.45 -11.52
N TYR C 1 11.33 -0.67 14.55
CA TYR C 1 12.38 -1.54 15.07
C TYR C 1 12.12 -2.99 14.68
N LEU C 2 12.99 -3.54 13.82
CA LEU C 2 12.81 -4.89 13.32
C LEU C 2 12.99 -5.96 14.39
N ASP C 3 12.33 -7.09 14.19
CA ASP C 3 12.56 -8.28 15.02
C ASP C 3 14.01 -8.73 14.79
N SEP C 4 14.73 -9.01 15.87
N SEP C 4 14.72 -9.03 15.87
CA SEP C 4 16.12 -9.43 15.76
CA SEP C 4 16.11 -9.45 15.76
CB SEP C 4 16.93 -8.82 16.90
CB SEP C 4 16.83 -9.19 17.08
OG SEP C 4 16.46 -9.32 18.13
OG SEP C 4 17.67 -8.07 16.97
C SEP C 4 16.28 -10.94 15.77
C SEP C 4 16.27 -10.92 15.40
O SEP C 4 17.40 -11.44 15.99
O SEP C 4 17.34 -11.35 15.00
P SEP C 4 16.96 -8.44 19.40
P SEP C 4 19.11 -8.55 17.51
O1P SEP C 4 16.06 -8.87 20.66
O1P SEP C 4 18.90 -9.35 18.89
O2P SEP C 4 16.74 -6.87 19.10
O2P SEP C 4 20.04 -7.27 17.77
O3P SEP C 4 18.50 -8.73 19.71
O3P SEP C 4 19.79 -9.55 16.43
N GLY C 5 15.19 -11.68 15.55
CA GLY C 5 15.28 -13.13 15.51
C GLY C 5 14.74 -13.87 14.31
N ILE C 6 14.64 -13.20 13.16
CA ILE C 6 14.04 -13.82 11.98
C ILE C 6 15.07 -14.70 11.28
N HIS C 7 15.31 -15.87 11.86
CA HIS C 7 16.37 -16.75 11.39
C HIS C 7 15.88 -18.16 11.16
N SER C 8 14.66 -18.45 11.58
CA SER C 8 14.10 -19.78 11.39
CA SER C 8 14.09 -19.77 11.39
C SER C 8 13.59 -19.93 9.97
N GLY C 9 14.25 -20.80 9.20
CA GLY C 9 13.89 -21.01 7.81
C GLY C 9 12.61 -21.80 7.65
N ALA C 10 11.96 -21.62 6.52
CA ALA C 10 10.79 -22.43 6.17
C ALA C 10 11.17 -23.90 6.06
C1 GOL D . 0.75 -0.75 6.94
O1 GOL D . -0.38 -0.79 7.77
C2 GOL D . 0.40 0.04 5.68
O2 GOL D . -0.08 -0.83 4.68
C3 GOL D . -0.70 1.03 6.05
O3 GOL D . -0.95 1.84 4.93
MG MG E . 24.17 -12.61 -0.98
CD CD F . -4.00 8.07 18.92
CD CD G . -4.95 2.80 7.76
CD CD H . -21.09 20.65 -14.98
CD CD I . -32.45 9.81 -22.54
CD CD I . -31.82 9.05 -21.33
C1 GOL J . 10.08 -3.24 -7.53
O1 GOL J . 9.27 -2.07 -7.48
C2 GOL J . 9.24 -4.42 -7.98
O2 GOL J . 8.47 -4.10 -9.13
C3 GOL J . 10.19 -5.59 -8.28
O3 GOL J . 9.46 -6.70 -8.74
C1 GOL K . -8.92 6.26 -13.30
O1 GOL K . -7.78 6.58 -14.08
C2 GOL K . -9.28 7.45 -12.42
O2 GOL K . -8.18 7.83 -11.63
C3 GOL K . -10.47 7.13 -11.51
O3 GOL K . -10.25 5.91 -10.83
MG MG L . 2.55 -8.54 -20.97
CD CD M . 12.65 1.29 -10.26
CD CD N . 19.17 -12.61 16.06
CD CD N . 19.76 -11.71 14.89
#